data_7KSI
#
_entry.id   7KSI
#
_cell.length_a   52.133
_cell.length_b   71.086
_cell.length_c   107.398
_cell.angle_alpha   90.000
_cell.angle_beta   90.000
_cell.angle_gamma   90.000
#
_symmetry.space_group_name_H-M   'P 21 21 21'
#
loop_
_entity.id
_entity.type
_entity.pdbx_description
1 polymer 'Mitogen-activated protein kinase 10'
2 non-polymer 4-(4-{[(2-chloro-6-fluorophenyl)carbamoyl]amino}-1H-pyrazol-1-yl)-5-methyl-N-(oxetan-3-yl)thiophene-2-carboxamide
3 water water
#
_entity_poly.entity_id   1
_entity_poly.type   'polypeptide(L)'
_entity_poly.pdbx_seq_one_letter_code
;MSLHFLYYCSEPTLDVKIAFCQGFDKQVDVSYIAKHYNMSKSKVDNQFYSVEVGDSTFTVLKRYQNLKPIGSGAQGIVCA
AYDAVLDRNVAIKKLSRPFQNQTHAKRAYRELVLMKCVNHKNIISLLNVFTPQKTLEEFQDVYLVMELMDANLCQVIQME
LDHERMSYLLYQMLCGIKHLHSAGIIHRDLKPSNIVVKSDCTLKILDFGLARTAGTSFMMTPYVVTRYYRAPEVILGMGY
KENVDIWSVGCIMGEMVRHKILFPGRDYIDQWNKVIEQLGTPCPEFMKKLQPTVRNYVENRPKYAGLTFPKLFPDSLFPA
DSEHNKLKASQARDLLSKMLVIDPAKRISVDDALQHPYINVWYDPAEVEAPPPQIYDKQLDEREHTIEEWKELIYKEVMN
SEEKTKNGVVKGQPSPSGAAVNSSESLPPSSSVNDISSMSTDQTLASDTDSSLEASAGPLGCCR
;
_entity_poly.pdbx_strand_id   A
#
# COMPACT_ATOMS: atom_id res chain seq x y z
N ASP A 45 -9.35 38.40 1.35
CA ASP A 45 -8.06 39.06 1.53
C ASP A 45 -7.06 38.09 2.16
N ASN A 46 -7.44 37.39 3.26
CA ASN A 46 -6.57 36.36 3.86
C ASN A 46 -6.44 35.23 2.82
N GLN A 47 -5.21 34.75 2.55
CA GLN A 47 -4.98 33.69 1.57
C GLN A 47 -5.61 32.35 1.98
N PHE A 48 -5.76 32.13 3.30
CA PHE A 48 -6.30 30.91 3.85
C PHE A 48 -7.62 31.15 4.59
N TYR A 49 -8.39 30.07 4.78
CA TYR A 49 -9.61 30.08 5.60
C TYR A 49 -9.69 28.71 6.33
N SER A 50 -10.35 28.68 7.49
CA SER A 50 -10.47 27.47 8.31
C SER A 50 -11.88 26.95 8.39
N VAL A 51 -12.02 25.61 8.30
CA VAL A 51 -13.31 24.93 8.37
C VAL A 51 -13.17 23.68 9.23
N GLU A 52 -14.21 23.37 10.00
CA GLU A 52 -14.23 22.22 10.88
C GLU A 52 -14.75 21.01 10.11
N VAL A 53 -14.01 19.90 10.14
CA VAL A 53 -14.38 18.66 9.49
C VAL A 53 -14.26 17.59 10.55
N GLY A 54 -15.34 17.36 11.28
CA GLY A 54 -15.35 16.42 12.39
C GLY A 54 -14.55 17.03 13.53
N ASP A 55 -13.58 16.29 14.07
CA ASP A 55 -12.73 16.81 15.14
C ASP A 55 -11.52 17.61 14.60
N SER A 56 -11.28 17.61 13.26
CA SER A 56 -10.11 18.28 12.67
C SER A 56 -10.40 19.64 12.03
N THR A 57 -9.56 20.65 12.34
CA THR A 57 -9.68 21.97 11.73
C THR A 57 -8.76 21.98 10.50
N PHE A 58 -9.32 22.29 9.33
CA PHE A 58 -8.58 22.36 8.07
C PHE A 58 -8.40 23.82 7.67
N THR A 59 -7.16 24.33 7.71
CA THR A 59 -6.84 25.69 7.29
C THR A 59 -6.22 25.56 5.91
N VAL A 60 -6.96 25.94 4.86
CA VAL A 60 -6.54 25.73 3.49
C VAL A 60 -6.62 26.98 2.65
N LEU A 61 -5.95 26.97 1.48
CA LEU A 61 -6.00 28.07 0.51
C LEU A 61 -7.47 28.24 0.04
N LYS A 62 -7.91 29.48 -0.18
CA LYS A 62 -9.31 29.74 -0.55
C LYS A 62 -9.74 29.14 -1.88
N ARG A 63 -8.80 28.68 -2.73
CA ARG A 63 -9.14 27.98 -3.96
C ARG A 63 -9.89 26.67 -3.64
N TYR A 64 -9.64 26.05 -2.47
CA TYR A 64 -10.30 24.78 -2.11
C TYR A 64 -11.58 25.08 -1.37
N GLN A 65 -12.73 24.72 -1.95
CA GLN A 65 -14.04 25.01 -1.40
C GLN A 65 -14.87 23.75 -1.15
N ASN A 66 -15.89 23.87 -0.27
CA ASN A 66 -16.83 22.77 0.02
C ASN A 66 -16.10 21.51 0.49
N LEU A 67 -15.26 21.65 1.51
CA LEU A 67 -14.52 20.54 2.08
C LEU A 67 -15.50 19.58 2.76
N LYS A 68 -15.31 18.27 2.55
CA LYS A 68 -16.19 17.26 3.15
C LYS A 68 -15.35 16.08 3.58
N PRO A 69 -15.66 15.43 4.72
CA PRO A 69 -14.86 14.27 5.14
C PRO A 69 -15.07 13.07 4.22
N ILE A 70 -14.01 12.29 3.96
CA ILE A 70 -14.09 11.08 3.12
C ILE A 70 -13.44 9.88 3.82
N GLY A 71 -12.27 10.08 4.41
CA GLY A 71 -11.56 9.01 5.11
C GLY A 71 -10.48 9.49 6.05
N SER A 72 -9.85 8.54 6.76
CA SER A 72 -8.79 8.85 7.73
C SER A 72 -8.09 7.54 8.13
N GLY A 73 -6.76 7.59 8.22
CA GLY A 73 -5.95 6.43 8.56
C GLY A 73 -5.23 6.56 9.90
N ALA A 74 -4.09 7.25 9.91
CA ALA A 74 -3.26 7.43 11.11
C ALA A 74 -2.30 8.63 10.95
N GLN A 75 -1.63 8.73 9.79
CA GLN A 75 -0.72 9.82 9.49
C GLN A 75 -1.48 11.16 9.36
N GLY A 76 -2.72 11.12 8.87
CA GLY A 76 -3.51 12.33 8.73
C GLY A 76 -4.96 12.11 8.37
N ILE A 77 -5.71 13.21 8.43
CA ILE A 77 -7.13 13.26 8.11
C ILE A 77 -7.24 13.70 6.65
N VAL A 78 -8.29 13.23 5.96
CA VAL A 78 -8.46 13.51 4.55
C VAL A 78 -9.84 14.10 4.28
N CYS A 79 -9.90 15.00 3.29
CA CYS A 79 -11.14 15.65 2.86
C CYS A 79 -11.23 15.67 1.37
N ALA A 80 -12.47 15.70 0.84
CA ALA A 80 -12.75 15.98 -0.55
C ALA A 80 -12.95 17.51 -0.62
N ALA A 81 -12.64 18.12 -1.75
CA ALA A 81 -12.85 19.56 -1.94
C ALA A 81 -12.91 19.88 -3.43
N TYR A 82 -13.54 20.98 -3.76
CA TYR A 82 -13.58 21.49 -5.12
C TYR A 82 -12.44 22.51 -5.22
N ASP A 83 -11.56 22.36 -6.19
CA ASP A 83 -10.47 23.31 -6.41
C ASP A 83 -10.98 24.31 -7.49
N ALA A 84 -11.35 25.51 -7.07
CA ALA A 84 -11.84 26.56 -7.96
C ALA A 84 -10.81 27.07 -8.97
N VAL A 85 -9.51 26.83 -8.77
CA VAL A 85 -8.48 27.29 -9.71
C VAL A 85 -8.40 26.31 -10.87
N LEU A 86 -8.17 25.03 -10.59
CA LEU A 86 -8.07 23.98 -11.62
C LEU A 86 -9.43 23.49 -12.11
N ASP A 87 -10.55 23.93 -11.47
CA ASP A 87 -11.91 23.52 -11.81
C ASP A 87 -12.04 22.00 -11.75
N ARG A 88 -11.61 21.40 -10.63
CA ARG A 88 -11.67 19.94 -10.46
C ARG A 88 -11.69 19.56 -8.99
N ASN A 89 -12.19 18.36 -8.69
CA ASN A 89 -12.26 17.88 -7.31
C ASN A 89 -10.93 17.28 -6.90
N VAL A 90 -10.56 17.53 -5.67
CA VAL A 90 -9.30 17.09 -5.10
C VAL A 90 -9.53 16.48 -3.71
N ALA A 91 -8.49 15.76 -3.23
CA ALA A 91 -8.41 15.18 -1.89
C ALA A 91 -7.29 15.94 -1.19
N ILE A 92 -7.54 16.37 0.05
CA ILE A 92 -6.57 17.12 0.84
C ILE A 92 -6.27 16.32 2.11
N LYS A 93 -4.99 16.09 2.37
CA LYS A 93 -4.56 15.38 3.57
C LYS A 93 -3.82 16.34 4.49
N LYS A 94 -4.23 16.42 5.77
CA LYS A 94 -3.56 17.24 6.75
C LYS A 94 -2.56 16.39 7.54
N LEU A 95 -1.34 16.85 7.65
CA LEU A 95 -0.25 16.23 8.43
C LEU A 95 -0.07 17.19 9.60
N SER A 96 -0.58 16.82 10.79
CA SER A 96 -0.53 17.65 11.99
C SER A 96 0.81 17.51 12.72
N ARG A 97 1.64 18.57 12.74
CA ARG A 97 2.94 18.53 13.46
C ARG A 97 3.78 17.29 13.03
N PRO A 98 4.03 17.08 11.73
CA PRO A 98 4.75 15.86 11.30
C PRO A 98 6.08 15.59 11.98
N PHE A 99 6.71 16.67 12.47
CA PHE A 99 8.00 16.67 13.16
C PHE A 99 7.92 16.26 14.65
N GLN A 100 6.69 16.05 15.19
CA GLN A 100 6.49 15.73 16.62
C GLN A 100 7.30 14.51 17.13
N ASN A 101 7.49 13.47 16.30
CA ASN A 101 8.28 12.30 16.69
C ASN A 101 8.98 11.66 15.48
N GLN A 102 10.04 10.89 15.75
CA GLN A 102 10.87 10.22 14.73
C GLN A 102 10.08 9.44 13.68
N THR A 103 9.06 8.68 14.12
CA THR A 103 8.25 7.86 13.21
C THR A 103 7.42 8.71 12.24
N HIS A 104 6.75 9.74 12.78
CA HIS A 104 5.96 10.65 11.96
C HIS A 104 6.88 11.42 11.01
N ALA A 105 8.01 11.96 11.53
CA ALA A 105 8.94 12.80 10.78
C ALA A 105 9.62 12.09 9.61
N LYS A 106 10.12 10.86 9.84
CA LYS A 106 10.79 10.07 8.79
C LYS A 106 9.83 9.79 7.65
N ARG A 107 8.58 9.40 7.95
CA ARG A 107 7.58 9.09 6.91
C ARG A 107 7.19 10.36 6.15
N ALA A 108 6.92 11.47 6.87
CA ALA A 108 6.51 12.70 6.21
C ALA A 108 7.58 13.22 5.25
N TYR A 109 8.85 13.24 5.70
CA TYR A 109 9.96 13.71 4.88
C TYR A 109 10.17 12.83 3.68
N ARG A 110 10.28 11.51 3.90
CA ARG A 110 10.53 10.53 2.86
C ARG A 110 9.46 10.58 1.77
N GLU A 111 8.18 10.60 2.15
CA GLU A 111 7.10 10.60 1.18
C GLU A 111 7.01 11.93 0.41
N LEU A 112 7.40 13.05 1.03
CA LEU A 112 7.44 14.32 0.31
C LEU A 112 8.53 14.29 -0.76
N VAL A 113 9.73 13.77 -0.42
CA VAL A 113 10.85 13.68 -1.37
C VAL A 113 10.58 12.65 -2.48
N LEU A 114 10.14 11.43 -2.12
CA LEU A 114 9.84 10.38 -3.11
C LEU A 114 8.67 10.75 -4.03
N MET A 115 7.65 11.49 -3.53
CA MET A 115 6.51 11.86 -4.36
C MET A 115 6.94 12.71 -5.55
N LYS A 116 7.86 13.65 -5.32
CA LYS A 116 8.37 14.52 -6.38
C LYS A 116 9.24 13.71 -7.38
N CYS A 117 9.87 12.60 -6.94
CA CYS A 117 10.65 11.74 -7.80
C CYS A 117 9.75 10.92 -8.77
N VAL A 118 9.05 9.86 -8.28
CA VAL A 118 8.21 8.96 -9.09
C VAL A 118 7.13 9.67 -9.90
N ASN A 119 6.88 9.16 -11.11
CA ASN A 119 5.89 9.71 -12.03
C ASN A 119 5.22 8.55 -12.73
N HIS A 120 4.12 8.04 -12.15
CA HIS A 120 3.42 6.89 -12.73
C HIS A 120 1.92 6.99 -12.49
N LYS A 121 1.13 6.59 -13.48
CA LYS A 121 -0.32 6.66 -13.39
C LYS A 121 -0.89 5.81 -12.25
N ASN A 122 -0.19 4.74 -11.82
CA ASN A 122 -0.65 3.90 -10.70
C ASN A 122 0.03 4.21 -9.36
N ILE A 123 0.76 5.33 -9.28
CA ILE A 123 1.41 5.81 -8.06
C ILE A 123 0.92 7.23 -7.84
N ILE A 124 0.61 7.56 -6.59
CA ILE A 124 0.17 8.89 -6.20
C ILE A 124 1.06 10.03 -6.76
N SER A 125 0.43 11.10 -7.20
CA SER A 125 1.12 12.30 -7.66
C SER A 125 0.43 13.50 -7.01
N LEU A 126 1.19 14.42 -6.42
CA LEU A 126 0.59 15.59 -5.77
C LEU A 126 0.32 16.70 -6.77
N LEU A 127 -0.83 17.34 -6.61
CA LEU A 127 -1.19 18.53 -7.37
C LEU A 127 -0.60 19.75 -6.64
N ASN A 128 -0.62 19.75 -5.28
CA ASN A 128 -0.11 20.85 -4.48
C ASN A 128 0.36 20.37 -3.09
N VAL A 129 1.22 21.18 -2.47
CA VAL A 129 1.76 21.02 -1.11
C VAL A 129 1.75 22.43 -0.53
N PHE A 130 1.24 22.62 0.69
CA PHE A 130 1.24 23.95 1.30
C PHE A 130 1.12 23.92 2.80
N THR A 131 1.58 25.01 3.46
CA THR A 131 1.43 25.20 4.91
C THR A 131 0.75 26.56 5.12
N PRO A 132 -0.26 26.72 6.02
CA PRO A 132 -0.81 28.07 6.25
C PRO A 132 0.09 29.01 7.06
N GLN A 133 1.07 28.44 7.79
CA GLN A 133 2.01 29.19 8.62
C GLN A 133 3.09 29.86 7.75
N LYS A 134 3.46 31.11 8.09
CA LYS A 134 4.39 31.93 7.29
C LYS A 134 5.90 31.77 7.59
N THR A 135 6.28 31.22 8.76
CA THR A 135 7.70 31.06 9.10
C THR A 135 8.00 29.65 9.67
N LEU A 136 9.29 29.30 9.78
CA LEU A 136 9.72 28.04 10.37
C LEU A 136 9.29 27.98 11.83
N GLU A 137 9.39 29.11 12.56
CA GLU A 137 9.02 29.16 13.99
C GLU A 137 7.55 28.86 14.17
N GLU A 138 6.70 29.43 13.32
CA GLU A 138 5.26 29.25 13.39
C GLU A 138 4.80 27.93 12.75
N PHE A 139 5.60 27.33 11.85
CA PHE A 139 5.29 26.08 11.12
C PHE A 139 4.71 24.94 11.99
N GLN A 140 3.52 24.46 11.64
CA GLN A 140 2.81 23.40 12.35
C GLN A 140 2.35 22.26 11.44
N ASP A 141 1.56 22.58 10.38
CA ASP A 141 0.93 21.56 9.56
C ASP A 141 1.33 21.61 8.09
N VAL A 142 1.22 20.47 7.43
CA VAL A 142 1.48 20.33 5.99
C VAL A 142 0.19 19.82 5.39
N TYR A 143 -0.20 20.35 4.21
CA TYR A 143 -1.40 19.88 3.51
C TYR A 143 -0.93 19.36 2.15
N LEU A 144 -1.35 18.15 1.80
CA LEU A 144 -1.00 17.53 0.52
C LEU A 144 -2.28 17.47 -0.29
N VAL A 145 -2.21 17.79 -1.59
CA VAL A 145 -3.38 17.79 -2.47
C VAL A 145 -3.15 16.82 -3.62
N MET A 146 -4.14 16.00 -3.93
CA MET A 146 -4.07 15.07 -5.05
C MET A 146 -5.44 14.99 -5.72
N GLU A 147 -5.51 14.28 -6.86
CA GLU A 147 -6.76 13.99 -7.58
C GLU A 147 -7.73 13.27 -6.61
N LEU A 148 -9.02 13.62 -6.65
CA LEU A 148 -9.99 12.98 -5.77
C LEU A 148 -10.36 11.62 -6.37
N MET A 149 -10.19 10.54 -5.59
CA MET A 149 -10.56 9.20 -6.06
C MET A 149 -11.98 8.90 -5.56
N ASP A 150 -12.49 7.65 -5.70
CA ASP A 150 -13.86 7.36 -5.27
C ASP A 150 -13.93 6.43 -4.08
N ALA A 151 -12.90 5.61 -3.85
CA ALA A 151 -12.91 4.65 -2.74
C ALA A 151 -11.49 4.11 -2.48
N ASN A 152 -11.28 3.47 -1.31
CA ASN A 152 -10.05 2.73 -1.04
C ASN A 152 -10.32 1.25 -1.45
N LEU A 153 -9.26 0.45 -1.58
CA LEU A 153 -9.40 -0.94 -1.97
C LEU A 153 -10.11 -1.80 -0.93
N CYS A 154 -10.20 -1.36 0.35
CA CYS A 154 -10.97 -2.12 1.36
C CYS A 154 -12.44 -2.20 0.94
N GLN A 155 -12.99 -1.09 0.42
CA GLN A 155 -14.37 -1.07 -0.03
C GLN A 155 -14.54 -1.98 -1.25
N VAL A 156 -13.60 -1.93 -2.20
CA VAL A 156 -13.64 -2.77 -3.40
C VAL A 156 -13.61 -4.26 -3.04
N ILE A 157 -12.73 -4.63 -2.12
CA ILE A 157 -12.58 -6.02 -1.65
C ILE A 157 -13.93 -6.60 -1.18
N GLN A 158 -14.80 -5.77 -0.57
CA GLN A 158 -16.10 -6.23 -0.07
C GLN A 158 -17.08 -6.64 -1.19
N MET A 159 -16.89 -6.12 -2.40
CA MET A 159 -17.77 -6.40 -3.53
C MET A 159 -17.35 -7.66 -4.30
N GLU A 160 -18.32 -8.28 -5.00
CA GLU A 160 -18.04 -9.39 -5.89
C GLU A 160 -17.60 -8.75 -7.17
N LEU A 161 -16.40 -9.08 -7.61
CA LEU A 161 -15.86 -8.53 -8.83
C LEU A 161 -15.78 -9.59 -9.89
N ASP A 162 -16.10 -9.22 -11.13
CA ASP A 162 -15.92 -10.12 -12.25
C ASP A 162 -14.37 -10.26 -12.49
N HIS A 163 -13.96 -11.20 -13.35
CA HIS A 163 -12.53 -11.37 -13.64
C HIS A 163 -11.96 -10.16 -14.36
N GLU A 164 -12.76 -9.48 -15.19
CA GLU A 164 -12.33 -8.29 -15.92
C GLU A 164 -11.81 -7.21 -14.93
N ARG A 165 -12.62 -6.83 -13.92
CA ARG A 165 -12.22 -5.81 -12.95
C ARG A 165 -11.13 -6.33 -11.98
N MET A 166 -11.27 -7.55 -11.45
CA MET A 166 -10.27 -8.13 -10.55
C MET A 166 -8.88 -8.18 -11.20
N SER A 167 -8.77 -8.72 -12.43
CA SER A 167 -7.49 -8.77 -13.14
C SER A 167 -6.95 -7.39 -13.53
N TYR A 168 -7.82 -6.41 -13.85
CA TYR A 168 -7.37 -5.06 -14.21
C TYR A 168 -6.82 -4.36 -12.96
N LEU A 169 -7.46 -4.53 -11.80
CA LEU A 169 -6.97 -3.96 -10.56
C LEU A 169 -5.60 -4.59 -10.20
N LEU A 170 -5.46 -5.92 -10.37
CA LEU A 170 -4.18 -6.58 -10.07
C LEU A 170 -3.10 -6.12 -11.05
N TYR A 171 -3.45 -5.99 -12.35
CA TYR A 171 -2.51 -5.51 -13.37
C TYR A 171 -1.92 -4.13 -12.97
N GLN A 172 -2.79 -3.20 -12.53
CA GLN A 172 -2.36 -1.84 -12.15
C GLN A 172 -1.50 -1.80 -10.90
N MET A 173 -1.80 -2.65 -9.89
CA MET A 173 -0.97 -2.74 -8.69
C MET A 173 0.42 -3.22 -9.09
N LEU A 174 0.49 -4.24 -9.98
CA LEU A 174 1.78 -4.74 -10.45
C LEU A 174 2.52 -3.70 -11.27
N CYS A 175 1.84 -2.89 -12.10
CA CYS A 175 2.52 -1.80 -12.84
C CYS A 175 3.09 -0.76 -11.86
N GLY A 176 2.34 -0.43 -10.82
CA GLY A 176 2.78 0.54 -9.81
C GLY A 176 3.98 0.03 -9.04
N ILE A 177 3.93 -1.23 -8.58
CA ILE A 177 5.05 -1.84 -7.86
C ILE A 177 6.26 -1.95 -8.76
N LYS A 178 6.07 -2.28 -10.06
CA LYS A 178 7.19 -2.33 -11.01
C LYS A 178 7.85 -0.95 -11.13
N HIS A 179 7.05 0.13 -11.17
CA HIS A 179 7.60 1.46 -11.27
C HIS A 179 8.38 1.80 -10.00
N LEU A 180 7.84 1.44 -8.82
CA LEU A 180 8.53 1.69 -7.56
C LEU A 180 9.88 0.95 -7.54
N HIS A 181 9.88 -0.32 -7.95
CA HIS A 181 11.11 -1.12 -8.00
C HIS A 181 12.15 -0.53 -8.99
N SER A 182 11.71 -0.01 -10.15
CA SER A 182 12.62 0.64 -11.10
C SER A 182 13.25 1.91 -10.50
N ALA A 183 12.53 2.61 -9.59
CA ALA A 183 13.06 3.79 -8.89
C ALA A 183 13.88 3.42 -7.62
N GLY A 184 14.14 2.13 -7.40
CA GLY A 184 14.88 1.64 -6.24
C GLY A 184 14.06 1.64 -4.95
N ILE A 185 12.72 1.60 -5.05
CA ILE A 185 11.84 1.63 -3.89
C ILE A 185 11.17 0.25 -3.72
N ILE A 186 11.53 -0.51 -2.69
CA ILE A 186 10.89 -1.79 -2.39
C ILE A 186 9.93 -1.45 -1.23
N HIS A 187 8.62 -1.61 -1.45
CA HIS A 187 7.59 -1.12 -0.52
C HIS A 187 7.55 -1.84 0.86
N ARG A 188 7.26 -3.16 0.89
CA ARG A 188 7.18 -3.98 2.11
C ARG A 188 5.93 -3.79 2.98
N ASP A 189 5.09 -2.75 2.76
CA ASP A 189 3.87 -2.59 3.55
C ASP A 189 2.68 -2.22 2.69
N LEU A 190 2.56 -2.86 1.53
CA LEU A 190 1.44 -2.62 0.63
C LEU A 190 0.18 -3.18 1.25
N LYS A 191 -0.89 -2.36 1.35
CA LYS A 191 -2.13 -2.83 1.95
C LYS A 191 -3.35 -2.12 1.35
N PRO A 192 -4.56 -2.72 1.45
CA PRO A 192 -5.74 -2.12 0.83
C PRO A 192 -6.11 -0.69 1.21
N SER A 193 -5.94 -0.30 2.48
CA SER A 193 -6.27 1.06 2.91
C SER A 193 -5.38 2.12 2.25
N ASN A 194 -4.17 1.74 1.78
CA ASN A 194 -3.27 2.68 1.10
C ASN A 194 -3.34 2.55 -0.43
N ILE A 195 -4.43 1.98 -0.96
CA ILE A 195 -4.65 1.85 -2.38
C ILE A 195 -6.02 2.43 -2.64
N VAL A 196 -6.13 3.29 -3.67
CA VAL A 196 -7.38 3.96 -4.01
C VAL A 196 -7.75 3.71 -5.44
N VAL A 197 -9.06 3.74 -5.73
CA VAL A 197 -9.56 3.51 -7.08
C VAL A 197 -10.67 4.51 -7.42
N LYS A 198 -10.91 4.68 -8.71
CA LYS A 198 -12.02 5.47 -9.24
C LYS A 198 -13.08 4.52 -9.83
N SER A 199 -14.31 5.03 -10.10
CA SER A 199 -15.41 4.26 -10.68
C SER A 199 -15.02 3.52 -11.96
N ASP A 200 -14.11 4.10 -12.76
CA ASP A 200 -13.63 3.49 -14.00
C ASP A 200 -12.61 2.34 -13.76
N CYS A 201 -12.43 1.89 -12.51
CA CYS A 201 -11.49 0.80 -12.21
C CYS A 201 -10.00 1.23 -12.17
N THR A 202 -9.66 2.53 -12.46
CA THR A 202 -8.25 2.96 -12.37
C THR A 202 -7.80 2.97 -10.90
N LEU A 203 -6.53 2.70 -10.66
CA LEU A 203 -5.98 2.48 -9.33
C LEU A 203 -4.68 3.25 -9.08
N LYS A 204 -4.45 3.68 -7.82
CA LYS A 204 -3.23 4.34 -7.42
C LYS A 204 -2.82 3.89 -6.04
N ILE A 205 -1.51 3.66 -5.84
CA ILE A 205 -0.93 3.34 -4.54
C ILE A 205 -0.56 4.70 -3.88
N LEU A 206 -0.96 4.89 -2.61
CA LEU A 206 -0.81 6.16 -1.89
C LEU A 206 0.49 6.33 -1.12
N ASP A 207 1.19 5.24 -0.77
CA ASP A 207 2.39 5.35 0.06
C ASP A 207 3.62 4.60 -0.51
N PHE A 208 4.76 4.77 0.18
CA PHE A 208 6.03 4.19 -0.22
C PHE A 208 6.58 3.13 0.75
N GLY A 209 5.77 2.66 1.70
CA GLY A 209 6.13 1.57 2.59
C GLY A 209 7.02 1.85 3.79
N LEU A 210 7.68 0.76 4.27
CA LEU A 210 8.55 0.82 5.44
C LEU A 210 9.82 1.62 5.18
N ALA A 211 10.34 2.29 6.22
CA ALA A 211 11.59 3.04 6.11
C ALA A 211 12.80 2.10 6.04
N SER A 217 9.30 3.30 15.52
CA SER A 217 8.54 2.07 15.71
C SER A 217 7.51 2.24 16.83
N PHE A 218 7.86 2.98 17.90
CA PHE A 218 6.96 3.23 19.03
C PHE A 218 6.01 4.39 18.71
N MET A 219 4.73 4.25 19.10
CA MET A 219 3.71 5.28 18.88
C MET A 219 2.77 5.35 20.08
N MET A 220 2.54 6.56 20.63
CA MET A 220 1.66 6.74 21.79
C MET A 220 0.21 7.02 21.41
N THR A 221 -0.21 6.65 20.18
CA THR A 221 -1.58 6.90 19.71
C THR A 221 -2.45 5.64 19.89
N PRO A 222 -3.80 5.75 19.71
CA PRO A 222 -4.64 4.54 19.82
C PRO A 222 -4.59 3.66 18.56
N TYR A 223 -4.28 4.26 17.38
CA TYR A 223 -4.25 3.54 16.10
C TYR A 223 -3.09 2.55 15.99
N VAL A 224 -3.40 1.25 15.88
CA VAL A 224 -2.40 0.19 15.69
C VAL A 224 -2.28 -0.09 14.18
N VAL A 225 -1.05 -0.39 13.72
CA VAL A 225 -0.79 -0.62 12.30
C VAL A 225 -1.28 -2.02 11.87
N THR A 226 -1.71 -2.12 10.62
CA THR A 226 -2.20 -3.35 10.00
C THR A 226 -0.98 -4.13 9.46
N ARG A 227 -0.72 -5.33 9.99
CA ARG A 227 0.45 -6.14 9.59
C ARG A 227 0.10 -7.40 8.74
N TYR A 228 -1.20 -7.65 8.45
CA TYR A 228 -1.71 -8.86 7.75
C TYR A 228 -1.25 -9.10 6.31
N TYR A 229 -0.74 -8.07 5.64
CA TYR A 229 -0.27 -8.16 4.26
C TYR A 229 1.28 -8.27 4.15
N ARG A 230 2.00 -8.26 5.28
CA ARG A 230 3.45 -8.33 5.29
C ARG A 230 3.93 -9.74 4.98
N ALA A 231 5.04 -9.80 4.24
CA ALA A 231 5.61 -11.05 3.78
C ALA A 231 6.27 -11.81 4.92
N PRO A 232 6.43 -13.15 4.80
CA PRO A 232 7.17 -13.90 5.83
C PRO A 232 8.55 -13.32 6.14
N GLU A 233 9.24 -12.79 5.12
CA GLU A 233 10.57 -12.23 5.30
C GLU A 233 10.53 -10.98 6.20
N VAL A 234 9.43 -10.19 6.14
CA VAL A 234 9.23 -9.06 7.03
C VAL A 234 8.82 -9.58 8.43
N ILE A 235 7.86 -10.50 8.51
CA ILE A 235 7.41 -11.08 9.78
C ILE A 235 8.59 -11.71 10.57
N LEU A 236 9.52 -12.36 9.88
CA LEU A 236 10.62 -13.07 10.52
C LEU A 236 12.00 -12.33 10.46
N GLY A 237 12.05 -11.04 10.10
CA GLY A 237 13.28 -10.24 9.99
C GLY A 237 14.36 -10.97 9.22
N MET A 238 14.10 -11.25 7.95
CA MET A 238 14.88 -12.19 7.17
C MET A 238 15.78 -11.73 6.03
N GLY A 239 15.64 -10.50 5.57
CA GLY A 239 16.34 -10.06 4.36
C GLY A 239 15.34 -10.22 3.21
N TYR A 240 15.38 -9.30 2.24
CA TYR A 240 14.37 -9.29 1.20
C TYR A 240 14.84 -8.72 -0.14
N LYS A 241 14.10 -9.12 -1.20
CA LYS A 241 14.28 -8.71 -2.57
C LYS A 241 12.92 -8.10 -3.04
N GLU A 242 12.87 -7.59 -4.27
CA GLU A 242 11.68 -6.98 -4.87
C GLU A 242 10.37 -7.78 -4.65
N ASN A 243 10.41 -9.13 -4.81
CA ASN A 243 9.22 -9.99 -4.72
C ASN A 243 8.63 -10.13 -3.31
N VAL A 244 9.17 -9.40 -2.32
CA VAL A 244 8.55 -9.30 -1.00
C VAL A 244 7.13 -8.67 -1.16
N ASP A 245 7.00 -7.73 -2.11
CA ASP A 245 5.74 -7.07 -2.40
C ASP A 245 4.76 -8.01 -3.12
N ILE A 246 5.25 -9.06 -3.81
CA ILE A 246 4.33 -10.01 -4.46
C ILE A 246 3.50 -10.75 -3.42
N TRP A 247 4.06 -11.02 -2.23
CA TRP A 247 3.29 -11.65 -1.14
C TRP A 247 2.06 -10.78 -0.78
N SER A 248 2.29 -9.47 -0.66
CA SER A 248 1.21 -8.54 -0.33
C SER A 248 0.13 -8.52 -1.43
N VAL A 249 0.51 -8.56 -2.72
CA VAL A 249 -0.45 -8.62 -3.82
C VAL A 249 -1.29 -9.93 -3.69
N GLY A 250 -0.64 -11.04 -3.33
CA GLY A 250 -1.31 -12.32 -3.10
C GLY A 250 -2.33 -12.27 -1.97
N CYS A 251 -1.97 -11.62 -0.85
CA CYS A 251 -2.86 -11.46 0.31
C CYS A 251 -4.09 -10.65 -0.12
N ILE A 252 -3.86 -9.58 -0.90
CA ILE A 252 -4.92 -8.67 -1.40
C ILE A 252 -5.83 -9.44 -2.36
N MET A 253 -5.24 -10.14 -3.36
CA MET A 253 -5.98 -10.96 -4.32
C MET A 253 -6.81 -12.03 -3.59
N GLY A 254 -6.21 -12.74 -2.65
CA GLY A 254 -6.91 -13.78 -1.89
C GLY A 254 -8.09 -13.24 -1.11
N GLU A 255 -7.91 -12.07 -0.52
CA GLU A 255 -8.97 -11.41 0.21
C GLU A 255 -10.07 -10.94 -0.73
N MET A 256 -9.75 -10.50 -1.95
CA MET A 256 -10.78 -10.10 -2.92
C MET A 256 -11.71 -11.29 -3.23
N VAL A 257 -11.16 -12.51 -3.28
CA VAL A 257 -11.89 -13.74 -3.60
C VAL A 257 -12.68 -14.26 -2.38
N ARG A 258 -12.02 -14.37 -1.22
CA ARG A 258 -12.59 -14.89 0.02
C ARG A 258 -13.42 -13.87 0.84
N HIS A 259 -13.22 -12.56 0.63
CA HIS A 259 -13.87 -11.47 1.38
C HIS A 259 -13.58 -11.50 2.87
N LYS A 260 -12.41 -12.05 3.24
CA LYS A 260 -11.93 -12.15 4.61
C LYS A 260 -10.40 -12.06 4.57
N ILE A 261 -9.79 -11.42 5.57
CA ILE A 261 -8.32 -11.33 5.66
C ILE A 261 -7.71 -12.75 5.74
N LEU A 262 -6.69 -13.06 4.91
CA LEU A 262 -6.13 -14.41 4.87
C LEU A 262 -5.35 -14.80 6.13
N PHE A 263 -4.50 -13.89 6.63
CA PHE A 263 -3.61 -14.15 7.74
C PHE A 263 -3.81 -13.16 8.88
N PRO A 264 -4.95 -13.23 9.60
CA PRO A 264 -5.16 -12.32 10.73
C PRO A 264 -4.35 -12.73 11.98
N GLY A 265 -4.42 -11.91 13.02
CA GLY A 265 -3.72 -12.19 14.25
C GLY A 265 -3.51 -10.96 15.09
N ARG A 266 -3.48 -11.13 16.42
CA ARG A 266 -3.23 -10.02 17.34
C ARG A 266 -1.82 -9.43 17.13
N ASP A 267 -0.86 -10.29 16.81
CA ASP A 267 0.54 -9.92 16.55
C ASP A 267 1.12 -10.99 15.57
N TYR A 268 2.42 -10.94 15.28
CA TYR A 268 3.06 -11.90 14.38
C TYR A 268 2.94 -13.38 14.81
N ILE A 269 2.73 -13.69 16.10
CA ILE A 269 2.60 -15.07 16.57
C ILE A 269 1.37 -15.74 15.90
N ASP A 270 0.16 -15.19 16.13
CA ASP A 270 -1.08 -15.65 15.52
C ASP A 270 -0.98 -15.59 14.00
N GLN A 271 -0.41 -14.50 13.45
CA GLN A 271 -0.29 -14.34 12.01
C GLN A 271 0.52 -15.47 11.38
N TRP A 272 1.70 -15.80 11.96
CA TRP A 272 2.52 -16.89 11.41
C TRP A 272 1.79 -18.24 11.48
N ASN A 273 1.00 -18.47 12.55
CA ASN A 273 0.19 -19.69 12.69
C ASN A 273 -0.79 -19.79 11.50
N LYS A 274 -1.50 -18.69 11.17
CA LYS A 274 -2.43 -18.67 10.05
C LYS A 274 -1.75 -18.96 8.71
N VAL A 275 -0.50 -18.48 8.54
CA VAL A 275 0.25 -18.73 7.32
C VAL A 275 0.57 -20.24 7.19
N ILE A 276 1.21 -20.86 8.21
CA ILE A 276 1.58 -22.27 8.16
C ILE A 276 0.35 -23.19 8.16
N GLU A 277 -0.73 -22.84 8.87
CA GLU A 277 -1.94 -23.68 8.89
C GLU A 277 -2.56 -23.82 7.51
N GLN A 278 -2.52 -22.74 6.71
CA GLN A 278 -3.13 -22.72 5.39
C GLN A 278 -2.18 -23.14 4.25
N LEU A 279 -0.94 -22.64 4.24
CA LEU A 279 0.02 -22.95 3.17
C LEU A 279 0.98 -24.10 3.48
N GLY A 280 1.11 -24.46 4.75
CA GLY A 280 1.98 -25.54 5.18
C GLY A 280 3.30 -25.05 5.68
N THR A 281 3.98 -25.89 6.48
CA THR A 281 5.29 -25.61 7.05
C THR A 281 6.28 -25.44 5.91
N PRO A 282 7.11 -24.38 5.92
CA PRO A 282 8.03 -24.18 4.78
C PRO A 282 9.13 -25.24 4.68
N CYS A 283 9.75 -25.33 3.49
CA CYS A 283 10.82 -26.30 3.18
C CYS A 283 12.06 -26.12 4.08
N PRO A 284 12.94 -27.14 4.23
CA PRO A 284 14.17 -26.94 5.00
C PRO A 284 15.09 -25.88 4.37
N GLU A 285 15.05 -25.69 3.03
CA GLU A 285 15.86 -24.64 2.36
C GLU A 285 15.53 -23.24 2.89
N PHE A 286 14.24 -22.96 3.16
CA PHE A 286 13.79 -21.70 3.74
C PHE A 286 14.22 -21.62 5.23
N MET A 287 14.05 -22.73 5.98
CA MET A 287 14.43 -22.80 7.39
C MET A 287 15.91 -22.43 7.61
N LYS A 288 16.81 -22.85 6.69
CA LYS A 288 18.25 -22.52 6.79
C LYS A 288 18.57 -21.02 6.61
N LYS A 289 17.66 -20.24 5.99
CA LYS A 289 17.87 -18.81 5.77
C LYS A 289 17.38 -17.91 6.94
N LEU A 290 16.75 -18.49 7.97
CA LEU A 290 16.29 -17.73 9.14
C LEU A 290 17.43 -17.50 10.16
N GLN A 291 17.34 -16.43 10.96
CA GLN A 291 18.33 -16.18 12.02
C GLN A 291 18.15 -17.27 13.10
N PRO A 292 19.22 -17.70 13.81
CA PRO A 292 19.09 -18.83 14.75
C PRO A 292 17.91 -18.81 15.76
N THR A 293 17.71 -17.72 16.49
CA THR A 293 16.63 -17.65 17.48
C THR A 293 15.24 -17.80 16.83
N VAL A 294 14.99 -17.10 15.71
CA VAL A 294 13.70 -17.21 15.00
C VAL A 294 13.55 -18.60 14.40
N ARG A 295 14.63 -19.16 13.84
CA ARG A 295 14.63 -20.51 13.25
C ARG A 295 14.18 -21.54 14.28
N ASN A 296 14.68 -21.45 15.51
CA ASN A 296 14.29 -22.36 16.59
C ASN A 296 12.78 -22.25 16.85
N TYR A 297 12.25 -21.03 16.93
CA TYR A 297 10.82 -20.81 17.13
C TYR A 297 9.99 -21.45 16.01
N VAL A 298 10.35 -21.17 14.74
CA VAL A 298 9.60 -21.62 13.58
C VAL A 298 9.64 -23.14 13.40
N GLU A 299 10.82 -23.75 13.61
CA GLU A 299 10.94 -25.20 13.48
C GLU A 299 10.27 -25.98 14.64
N ASN A 300 9.99 -25.32 15.79
CA ASN A 300 9.34 -25.97 16.93
C ASN A 300 7.82 -25.83 16.96
N ARG A 301 7.21 -25.09 16.02
CA ARG A 301 5.75 -25.06 15.91
C ARG A 301 5.29 -26.44 15.38
N PRO A 302 4.01 -26.84 15.60
CA PRO A 302 3.53 -28.09 14.98
C PRO A 302 3.71 -28.06 13.46
N LYS A 303 3.86 -29.24 12.87
CA LYS A 303 4.03 -29.37 11.43
C LYS A 303 2.67 -29.37 10.76
N TYR A 304 2.55 -28.62 9.65
CA TYR A 304 1.33 -28.50 8.87
C TYR A 304 1.63 -28.87 7.43
N ALA A 305 0.82 -29.73 6.84
CA ALA A 305 0.99 -30.11 5.44
C ALA A 305 0.53 -28.95 4.52
N GLY A 306 -0.49 -28.22 4.92
CA GLY A 306 -1.02 -27.12 4.12
C GLY A 306 -2.12 -27.60 3.22
N LEU A 307 -3.07 -26.70 2.92
CA LEU A 307 -4.20 -27.01 2.07
C LEU A 307 -3.88 -26.67 0.62
N THR A 308 -4.48 -27.39 -0.29
CA THR A 308 -4.28 -27.17 -1.72
C THR A 308 -4.97 -25.86 -2.12
N PHE A 309 -4.53 -25.22 -3.21
CA PHE A 309 -5.15 -23.95 -3.62
C PHE A 309 -6.63 -24.12 -4.05
N PRO A 310 -7.03 -25.21 -4.75
CA PRO A 310 -8.48 -25.45 -4.95
C PRO A 310 -9.23 -25.53 -3.60
N LYS A 311 -8.62 -26.05 -2.51
CA LYS A 311 -9.28 -26.08 -1.18
C LYS A 311 -9.27 -24.70 -0.47
N LEU A 312 -8.19 -23.93 -0.62
CA LEU A 312 -8.09 -22.60 -0.01
C LEU A 312 -9.04 -21.62 -0.70
N PHE A 313 -9.23 -21.76 -2.03
CA PHE A 313 -10.06 -20.89 -2.85
C PHE A 313 -11.00 -21.72 -3.75
N PRO A 314 -12.07 -22.31 -3.18
CA PRO A 314 -12.96 -23.14 -4.00
C PRO A 314 -13.72 -22.40 -5.10
N ASP A 315 -14.27 -23.17 -6.05
CA ASP A 315 -15.02 -22.68 -7.21
C ASP A 315 -16.23 -21.82 -6.82
N SER A 316 -16.81 -22.05 -5.62
CA SER A 316 -17.93 -21.28 -5.06
C SER A 316 -17.61 -19.79 -4.97
N LEU A 317 -16.34 -19.43 -4.72
CA LEU A 317 -15.91 -18.05 -4.59
C LEU A 317 -15.69 -17.34 -5.93
N PHE A 318 -15.61 -18.08 -7.05
CA PHE A 318 -15.38 -17.49 -8.37
C PHE A 318 -16.66 -17.55 -9.22
N PRO A 319 -16.87 -16.60 -10.16
CA PRO A 319 -18.04 -16.71 -11.04
C PRO A 319 -17.77 -17.80 -12.07
N ALA A 320 -18.07 -19.08 -11.77
CA ALA A 320 -17.73 -20.20 -12.65
C ALA A 320 -18.98 -20.77 -13.33
N ASP A 321 -19.49 -20.06 -14.34
CA ASP A 321 -20.69 -20.42 -15.10
C ASP A 321 -20.35 -20.84 -16.54
N SER A 322 -19.68 -19.96 -17.30
CA SER A 322 -19.29 -20.21 -18.69
C SER A 322 -17.88 -20.81 -18.78
N GLU A 323 -17.52 -21.40 -19.94
CA GLU A 323 -16.16 -21.90 -20.19
C GLU A 323 -15.16 -20.76 -20.05
N HIS A 324 -15.53 -19.54 -20.52
CA HIS A 324 -14.65 -18.38 -20.34
C HIS A 324 -14.30 -18.15 -18.85
N ASN A 325 -15.31 -18.14 -17.97
CA ASN A 325 -15.09 -17.90 -16.56
C ASN A 325 -14.45 -19.08 -15.83
N LYS A 326 -14.69 -20.32 -16.29
CA LYS A 326 -14.05 -21.49 -15.68
C LYS A 326 -12.54 -21.43 -15.92
N LEU A 327 -12.11 -21.04 -17.13
CA LEU A 327 -10.70 -20.91 -17.42
C LEU A 327 -10.09 -19.79 -16.58
N LYS A 328 -10.76 -18.62 -16.53
CA LYS A 328 -10.28 -17.48 -15.75
C LYS A 328 -10.13 -17.83 -14.27
N ALA A 329 -11.05 -18.62 -13.68
CA ALA A 329 -10.94 -19.02 -12.28
C ALA A 329 -9.72 -19.92 -12.02
N SER A 330 -9.45 -20.86 -12.93
CA SER A 330 -8.28 -21.75 -12.80
C SER A 330 -6.99 -20.93 -12.98
N GLN A 331 -6.98 -19.93 -13.87
CA GLN A 331 -5.83 -19.04 -14.07
C GLN A 331 -5.64 -18.15 -12.82
N ALA A 332 -6.74 -17.65 -12.22
CA ALA A 332 -6.67 -16.83 -11.00
C ALA A 332 -6.11 -17.67 -9.85
N ARG A 333 -6.57 -18.93 -9.68
CA ARG A 333 -6.03 -19.81 -8.64
C ARG A 333 -4.55 -20.08 -8.90
N ASP A 334 -4.18 -20.29 -10.18
CA ASP A 334 -2.77 -20.53 -10.53
C ASP A 334 -1.88 -19.37 -10.11
N LEU A 335 -2.30 -18.13 -10.37
CA LEU A 335 -1.54 -16.95 -9.97
C LEU A 335 -1.46 -16.85 -8.43
N LEU A 336 -2.58 -17.08 -7.72
CA LEU A 336 -2.55 -17.08 -6.24
C LEU A 336 -1.52 -18.09 -5.68
N SER A 337 -1.46 -19.28 -6.28
CA SER A 337 -0.54 -20.41 -6.00
C SER A 337 0.91 -19.99 -6.10
N LYS A 338 1.21 -19.05 -6.99
CA LYS A 338 2.57 -18.61 -7.32
C LYS A 338 3.00 -17.34 -6.52
N MET A 339 2.04 -16.53 -6.02
CA MET A 339 2.29 -15.34 -5.22
C MET A 339 2.30 -15.69 -3.73
N LEU A 340 1.34 -16.51 -3.29
CA LEU A 340 1.27 -16.92 -1.88
C LEU A 340 2.22 -18.11 -1.62
N VAL A 341 3.53 -17.86 -1.76
CA VAL A 341 4.61 -18.83 -1.60
C VAL A 341 5.51 -18.29 -0.49
N ILE A 342 5.65 -19.05 0.59
CA ILE A 342 6.42 -18.58 1.74
C ILE A 342 7.86 -18.25 1.40
N ASP A 343 8.55 -19.15 0.71
CA ASP A 343 9.94 -18.99 0.36
C ASP A 343 10.08 -18.01 -0.80
N PRO A 344 10.76 -16.86 -0.62
CA PRO A 344 10.88 -15.92 -1.73
C PRO A 344 11.71 -16.42 -2.91
N ALA A 345 12.57 -17.44 -2.71
CA ALA A 345 13.33 -18.01 -3.83
C ALA A 345 12.38 -18.72 -4.83
N LYS A 346 11.23 -19.21 -4.36
CA LYS A 346 10.22 -19.90 -5.17
C LYS A 346 9.01 -19.04 -5.56
N ARG A 347 8.87 -17.84 -4.95
CA ARG A 347 7.75 -16.95 -5.24
C ARG A 347 7.97 -16.24 -6.56
N ILE A 348 6.88 -16.04 -7.32
CA ILE A 348 6.91 -15.37 -8.62
C ILE A 348 7.36 -13.91 -8.48
N SER A 349 8.07 -13.41 -9.50
CA SER A 349 8.55 -12.03 -9.55
C SER A 349 7.43 -11.13 -10.12
N VAL A 350 7.59 -9.80 -9.98
CA VAL A 350 6.62 -8.83 -10.53
C VAL A 350 6.55 -8.97 -12.06
N ASP A 351 7.70 -9.03 -12.74
CA ASP A 351 7.73 -9.15 -14.20
C ASP A 351 7.06 -10.43 -14.66
N ASP A 352 7.31 -11.57 -13.98
CA ASP A 352 6.63 -12.81 -14.36
C ASP A 352 5.16 -12.78 -14.00
N ALA A 353 4.75 -12.07 -12.93
CA ALA A 353 3.35 -11.94 -12.57
C ALA A 353 2.62 -11.13 -13.65
N LEU A 354 3.26 -10.07 -14.21
CA LEU A 354 2.66 -9.32 -15.31
C LEU A 354 2.50 -10.21 -16.57
N GLN A 355 3.38 -11.21 -16.78
CA GLN A 355 3.28 -12.13 -17.91
C GLN A 355 2.33 -13.31 -17.67
N HIS A 356 1.80 -13.47 -16.44
CA HIS A 356 0.89 -14.58 -16.15
C HIS A 356 -0.38 -14.46 -17.04
N PRO A 357 -0.93 -15.56 -17.60
CA PRO A 357 -2.12 -15.42 -18.45
C PRO A 357 -3.32 -14.68 -17.81
N TYR A 358 -3.48 -14.69 -16.47
CA TYR A 358 -4.60 -13.95 -15.85
C TYR A 358 -4.39 -12.42 -15.96
N ILE A 359 -3.10 -11.95 -16.03
CA ILE A 359 -2.70 -10.54 -16.08
C ILE A 359 -2.32 -10.02 -17.49
N ASN A 360 -1.59 -10.79 -18.31
CA ASN A 360 -1.06 -10.28 -19.59
C ASN A 360 -2.13 -9.85 -20.62
N VAL A 361 -3.42 -10.14 -20.38
CA VAL A 361 -4.49 -9.66 -21.25
C VAL A 361 -4.63 -8.10 -21.19
N TRP A 362 -3.92 -7.41 -20.26
CA TRP A 362 -3.95 -5.95 -20.15
C TRP A 362 -2.60 -5.31 -20.57
N TYR A 363 -1.59 -6.10 -20.98
CA TYR A 363 -0.25 -5.58 -21.31
C TYR A 363 -0.25 -4.50 -22.40
N ASP A 364 0.68 -3.54 -22.28
CA ASP A 364 0.87 -2.46 -23.26
C ASP A 364 2.22 -1.74 -23.00
N PRO A 365 3.17 -1.73 -23.96
CA PRO A 365 4.47 -1.07 -23.70
C PRO A 365 4.44 0.37 -23.14
N ALA A 366 3.39 1.15 -23.43
CA ALA A 366 3.29 2.54 -22.97
C ALA A 366 3.19 2.75 -21.44
N GLU A 367 2.59 1.80 -20.68
CA GLU A 367 2.43 1.95 -19.22
C GLU A 367 3.21 0.91 -18.37
N VAL A 368 3.58 -0.24 -18.96
CA VAL A 368 4.34 -1.26 -18.21
C VAL A 368 5.77 -0.77 -17.94
N GLU A 369 6.38 -0.03 -18.90
CA GLU A 369 7.74 0.50 -18.79
C GLU A 369 7.71 2.04 -18.83
N ALA A 370 8.69 2.68 -18.17
CA ALA A 370 8.82 4.14 -18.13
C ALA A 370 10.27 4.55 -17.83
N PRO A 371 10.70 5.79 -18.17
CA PRO A 371 12.10 6.17 -17.90
C PRO A 371 12.39 6.37 -16.40
N PRO A 372 13.34 5.61 -15.81
CA PRO A 372 13.63 5.79 -14.38
C PRO A 372 14.49 7.04 -14.08
N PRO A 373 14.61 7.46 -12.80
CA PRO A 373 15.44 8.65 -12.50
C PRO A 373 16.94 8.38 -12.64
N GLN A 379 19.69 12.30 -2.82
CA GLN A 379 19.26 10.95 -3.14
C GLN A 379 19.69 9.97 -2.04
N LEU A 380 18.83 8.97 -1.73
CA LEU A 380 19.09 7.96 -0.70
C LEU A 380 19.30 8.62 0.69
N ASP A 381 18.20 8.84 1.43
CA ASP A 381 18.22 9.49 2.75
C ASP A 381 17.69 8.54 3.85
N GLU A 382 18.39 8.48 5.01
CA GLU A 382 17.98 7.62 6.14
C GLU A 382 18.83 7.94 7.41
N ARG A 383 18.61 9.12 8.04
CA ARG A 383 19.36 9.54 9.23
C ARG A 383 18.44 10.02 10.37
N GLU A 384 18.85 9.76 11.64
CA GLU A 384 18.06 10.19 12.81
C GLU A 384 18.35 11.66 13.14
N HIS A 385 17.31 12.43 13.55
CA HIS A 385 17.43 13.87 13.82
C HIS A 385 16.57 14.31 15.02
N THR A 386 16.86 15.49 15.58
CA THR A 386 16.05 16.07 16.66
C THR A 386 14.73 16.64 16.07
N ILE A 387 13.74 16.99 16.93
CA ILE A 387 12.46 17.58 16.51
C ILE A 387 12.70 18.82 15.62
N GLU A 388 13.60 19.70 16.08
CA GLU A 388 13.95 20.97 15.43
C GLU A 388 14.54 20.75 14.03
N GLU A 389 15.48 19.80 13.91
CA GLU A 389 16.12 19.45 12.64
C GLU A 389 15.09 18.83 11.66
N TRP A 390 14.22 17.96 12.17
CA TRP A 390 13.17 17.36 11.33
C TRP A 390 12.17 18.42 10.86
N LYS A 391 11.80 19.35 11.75
CA LYS A 391 10.89 20.45 11.45
C LYS A 391 11.43 21.29 10.29
N GLU A 392 12.74 21.63 10.31
CA GLU A 392 13.37 22.42 9.25
C GLU A 392 13.53 21.62 7.96
N LEU A 393 13.84 20.32 8.05
CA LEU A 393 13.98 19.49 6.86
C LEU A 393 12.65 19.40 6.11
N ILE A 394 11.54 19.19 6.86
CA ILE A 394 10.20 19.10 6.28
C ILE A 394 9.75 20.47 5.79
N TYR A 395 10.03 21.55 6.55
CA TYR A 395 9.65 22.90 6.15
C TYR A 395 10.34 23.30 4.85
N LYS A 396 11.65 23.01 4.71
CA LYS A 396 12.37 23.32 3.48
C LYS A 396 11.76 22.54 2.30
N GLU A 397 11.36 21.27 2.52
CA GLU A 397 10.76 20.48 1.45
C GLU A 397 9.39 21.04 1.02
N VAL A 398 8.58 21.53 1.96
CA VAL A 398 7.28 22.14 1.65
C VAL A 398 7.49 23.46 0.87
N MET A 399 8.55 24.23 1.23
CA MET A 399 8.91 25.50 0.57
C MET A 399 10.00 25.19 -0.48
N ASN A 400 9.61 24.81 -1.70
CA ASN A 400 10.58 24.47 -2.75
C ASN A 400 11.27 25.72 -3.31
#